data_4C4S
#
_entry.id   4C4S
#
_cell.length_a   37.541
_cell.length_b   54.337
_cell.length_c   104.346
_cell.angle_alpha   90.00
_cell.angle_beta   90.00
_cell.angle_gamma   90.00
#
_symmetry.space_group_name_H-M   'P 21 21 21'
#
loop_
_entity.id
_entity.type
_entity.pdbx_description
1 polymer BETA-PHOSPHOGLUCOMUTASE
2 non-polymer (1R)-1,5-anhydro-1-[(S)-fluoro(phosphono)methyl]-D-glucitol
3 non-polymer TRIFLUOROMAGNESATE
4 non-polymer 'MAGNESIUM ION'
5 water water
#
_entity_poly.entity_id   1
_entity_poly.type   'polypeptide(L)'
_entity_poly.pdbx_seq_one_letter_code
;MFKAVLFDLDGVITDTAEYHFRAWKALAEEIGINGVDRQFNEQLKGVSREDSLQKILDLADKKVSAEEFKELAKRKNDNY
VKMIQDVSPADVYPGILQLLKDLRSNKIKIALASASKNGPFLLERMNLTGYFDAIADPAEVAASKPAPDIFIAAAHAVGV
APSESIGLEDSQAGIQAIKDSGALPIGVGRPEDLGDDIVIVPDTSHYTLEFLKEVWLQKQK
;
_entity_poly.pdbx_strand_id   A
#
loop_
_chem_comp.id
_chem_comp.type
_chem_comp.name
_chem_comp.formula
GRX D-saccharide (1R)-1,5-anhydro-1-[(S)-fluoro(phosphono)methyl]-D-glucitol 'C7 H14 F O8 P'
MG non-polymer 'MAGNESIUM ION' 'Mg 2'
MGF non-polymer TRIFLUOROMAGNESATE 'F3 Mg -1'
#
# COMPACT_ATOMS: atom_id res chain seq x y z
N MET A 1 -7.36 22.93 5.70
CA MET A 1 -7.13 22.04 4.52
C MET A 1 -6.15 20.96 4.93
N PHE A 2 -6.28 19.76 4.36
CA PHE A 2 -5.31 18.74 4.71
C PHE A 2 -3.93 19.21 4.28
N LYS A 3 -2.90 18.74 4.96
CA LYS A 3 -1.52 19.20 4.73
C LYS A 3 -0.56 18.11 4.25
N ALA A 4 -1.05 16.88 4.21
CA ALA A 4 -0.28 15.78 3.66
C ALA A 4 -1.19 14.73 3.09
N VAL A 5 -0.62 13.98 2.13
CA VAL A 5 -1.26 12.76 1.64
C VAL A 5 -0.29 11.62 1.87
N LEU A 6 -0.82 10.53 2.46
CA LEU A 6 -0.03 9.36 2.84
C LEU A 6 -0.43 8.22 1.91
N PHE A 7 0.52 7.81 1.08
CA PHE A 7 0.26 6.84 0.01
C PHE A 7 0.70 5.44 0.37
N ASP A 8 -0.23 4.48 0.33
CA ASP A 8 0.16 3.10 0.11
C ASP A 8 0.76 3.00 -1.30
N LEU A 9 1.51 1.93 -1.57
CA LEU A 9 2.06 1.77 -2.91
C LEU A 9 1.32 0.68 -3.70
N ASP A 10 1.41 -0.57 -3.25
CA ASP A 10 0.87 -1.66 -4.02
C ASP A 10 -0.66 -1.58 -4.12
N GLY A 11 -1.16 -1.48 -5.36
CA GLY A 11 -2.57 -1.33 -5.62
C GLY A 11 -3.08 0.11 -5.56
N VAL A 12 -2.20 1.08 -5.27
CA VAL A 12 -2.61 2.50 -5.21
C VAL A 12 -1.79 3.29 -6.24
N ILE A 13 -0.47 3.13 -6.20
CA ILE A 13 0.40 3.83 -7.15
C ILE A 13 0.56 3.07 -8.45
N THR A 14 0.52 1.74 -8.35
CA THR A 14 0.64 0.86 -9.50
C THR A 14 0.05 -0.50 -9.15
N ASP A 15 -0.05 -1.35 -10.17
CA ASP A 15 -0.72 -2.64 -10.09
C ASP A 15 0.11 -3.76 -9.49
N THR A 16 0.99 -3.45 -8.54
CA THR A 16 1.86 -4.47 -7.97
C THR A 16 1.12 -5.38 -6.95
N ALA A 17 -0.04 -4.97 -6.47
CA ALA A 17 -0.85 -5.89 -5.66
C ALA A 17 -1.13 -7.17 -6.43
N GLU A 18 -1.26 -7.07 -7.76
CA GLU A 18 -1.55 -8.26 -8.57
C GLU A 18 -0.34 -9.20 -8.57
N TYR A 19 0.86 -8.62 -8.59
CA TYR A 19 2.06 -9.44 -8.62
C TYR A 19 2.32 -10.08 -7.25
N HIS A 20 2.05 -9.36 -6.16
CA HIS A 20 2.11 -9.98 -4.84
C HIS A 20 1.18 -11.19 -4.77
N PHE A 21 -0.04 -11.02 -5.26
CA PHE A 21 -1.04 -12.09 -5.26
C PHE A 21 -0.49 -13.29 -6.02
N ARG A 22 -0.05 -13.05 -7.26
CA ARG A 22 0.43 -14.17 -8.09
C ARG A 22 1.61 -14.86 -7.45
N ALA A 23 2.50 -14.10 -6.84
CA ALA A 23 3.69 -14.68 -6.19
C ALA A 23 3.29 -15.48 -4.94
N TRP A 24 2.40 -14.96 -4.10
CA TRP A 24 2.00 -15.71 -2.91
C TRP A 24 1.25 -16.97 -3.31
N LYS A 25 0.41 -16.88 -4.32
CA LYS A 25 -0.36 -18.05 -4.76
C LYS A 25 0.60 -19.13 -5.25
N ALA A 26 1.60 -18.75 -6.04
CA ALA A 26 2.56 -19.74 -6.54
C ALA A 26 3.30 -20.44 -5.39
N LEU A 27 3.70 -19.67 -4.40
CA LEU A 27 4.37 -20.21 -3.23
C LEU A 27 3.47 -21.18 -2.49
N ALA A 28 2.23 -20.78 -2.23
CA ALA A 28 1.29 -21.60 -1.45
C ALA A 28 1.10 -22.91 -2.18
N GLU A 29 0.90 -22.85 -3.48
CA GLU A 29 0.65 -24.11 -4.20
C GLU A 29 1.87 -25.02 -4.20
N GLU A 30 3.07 -24.46 -4.20
CA GLU A 30 4.28 -25.27 -4.13
C GLU A 30 4.28 -26.12 -2.88
N ILE A 31 3.74 -25.60 -1.78
CA ILE A 31 3.68 -26.33 -0.52
C ILE A 31 2.34 -27.01 -0.25
N GLY A 32 1.52 -27.08 -1.28
CA GLY A 32 0.31 -27.88 -1.23
C GLY A 32 -0.88 -27.17 -0.63
N ILE A 33 -0.82 -25.84 -0.56
CA ILE A 33 -1.90 -25.02 -0.01
C ILE A 33 -2.58 -24.33 -1.18
N ASN A 34 -3.83 -24.70 -1.44
CA ASN A 34 -4.54 -24.20 -2.62
C ASN A 34 -5.59 -23.11 -2.35
N GLY A 35 -5.64 -22.61 -1.12
CA GLY A 35 -6.67 -21.65 -0.74
C GLY A 35 -6.38 -20.18 -1.01
N VAL A 36 -5.25 -19.87 -1.64
CA VAL A 36 -4.92 -18.47 -1.92
C VAL A 36 -5.55 -18.08 -3.25
N ASP A 37 -6.83 -17.71 -3.19
CA ASP A 37 -7.54 -17.17 -4.35
C ASP A 37 -7.75 -15.68 -4.13
N ARG A 38 -8.41 -15.03 -5.09
CA ARG A 38 -8.49 -13.58 -5.01
C ARG A 38 -9.18 -13.14 -3.74
N GLN A 39 -10.21 -13.88 -3.34
CA GLN A 39 -10.93 -13.47 -2.12
C GLN A 39 -10.02 -13.57 -0.89
N PHE A 40 -9.31 -14.69 -0.75
CA PHE A 40 -8.38 -14.83 0.36
C PHE A 40 -7.31 -13.74 0.33
N ASN A 41 -6.85 -13.42 -0.88
CA ASN A 41 -5.80 -12.44 -1.03
C ASN A 41 -6.19 -11.06 -0.47
N GLU A 42 -7.48 -10.79 -0.30
CA GLU A 42 -7.88 -9.51 0.33
C GLU A 42 -7.31 -9.44 1.74
N GLN A 43 -7.09 -10.60 2.38
CA GLN A 43 -6.44 -10.67 3.68
C GLN A 43 -4.91 -10.49 3.67
N LEU A 44 -4.31 -10.49 2.47
CA LEU A 44 -2.86 -10.33 2.35
C LEU A 44 -2.50 -8.91 1.84
N LYS A 45 -3.45 -8.18 1.27
CA LYS A 45 -3.16 -6.82 0.83
C LYS A 45 -2.81 -5.93 2.01
N GLY A 46 -1.69 -5.24 1.92
CA GLY A 46 -1.26 -4.33 2.96
C GLY A 46 -0.57 -4.95 4.15
N VAL A 47 -0.50 -6.27 4.17
CA VAL A 47 0.00 -7.02 5.33
C VAL A 47 1.47 -7.38 5.14
N SER A 48 2.25 -7.35 6.22
CA SER A 48 3.70 -7.55 6.14
C SER A 48 4.06 -8.91 5.55
N ARG A 49 5.29 -9.04 5.09
CA ARG A 49 5.70 -10.26 4.40
C ARG A 49 5.55 -11.47 5.33
N GLU A 50 6.05 -11.37 6.56
CA GLU A 50 5.94 -12.47 7.51
C GLU A 50 4.52 -12.73 7.93
N ASP A 51 3.74 -11.69 8.16
CA ASP A 51 2.36 -11.91 8.56
C ASP A 51 1.59 -12.52 7.40
N SER A 52 1.94 -12.16 6.17
CA SER A 52 1.24 -12.70 5.01
C SER A 52 1.51 -14.19 4.92
N LEU A 53 2.76 -14.56 5.04
CA LEU A 53 3.13 -15.98 4.96
C LEU A 53 2.42 -16.74 6.06
N GLN A 54 2.38 -16.19 7.27
CA GLN A 54 1.75 -16.92 8.35
C GLN A 54 0.25 -17.11 8.10
N LYS A 55 -0.41 -16.12 7.52
CA LYS A 55 -1.83 -16.29 7.19
C LYS A 55 -2.05 -17.43 6.22
N ILE A 56 -1.14 -17.58 5.25
CA ILE A 56 -1.20 -18.67 4.29
C ILE A 56 -1.00 -20.01 4.99
N LEU A 57 0.04 -20.09 5.81
CA LEU A 57 0.38 -21.33 6.51
C LEU A 57 -0.76 -21.75 7.43
N ASP A 58 -1.46 -20.80 8.03
CA ASP A 58 -2.56 -21.14 8.91
C ASP A 58 -3.66 -21.89 8.17
N LEU A 59 -3.44 -22.25 6.90
CA LEU A 59 -4.47 -22.91 6.09
C LEU A 59 -4.27 -24.44 6.03
N LYS A 63 2.36 -27.32 10.35
CA LYS A 63 3.33 -26.27 10.67
C LYS A 63 4.67 -26.54 10.01
N VAL A 64 5.41 -25.48 9.71
CA VAL A 64 6.73 -25.63 9.13
C VAL A 64 7.81 -25.22 10.13
N SER A 65 9.04 -25.68 9.89
CA SER A 65 10.14 -25.27 10.72
C SER A 65 10.50 -23.81 10.53
N ALA A 66 11.21 -23.24 11.50
CA ALA A 66 11.66 -21.86 11.41
C ALA A 66 12.57 -21.68 10.20
N GLU A 67 13.42 -22.67 9.95
CA GLU A 67 14.27 -22.65 8.76
C GLU A 67 13.42 -22.62 7.49
N GLU A 68 12.39 -23.45 7.42
CA GLU A 68 11.53 -23.45 6.23
C GLU A 68 10.75 -22.15 6.10
N PHE A 69 10.28 -21.60 7.21
CA PHE A 69 9.55 -20.34 7.17
C PHE A 69 10.41 -19.26 6.52
N LYS A 70 11.67 -19.16 6.93
CA LYS A 70 12.58 -18.15 6.40
C LYS A 70 12.81 -18.36 4.91
N GLU A 71 13.01 -19.62 4.52
CA GLU A 71 13.21 -19.92 3.13
C GLU A 71 11.99 -19.56 2.29
N LEU A 72 10.80 -19.82 2.79
CA LEU A 72 9.58 -19.60 2.02
C LEU A 72 9.35 -18.10 1.78
N ALA A 73 9.57 -17.28 2.80
CA ALA A 73 9.38 -15.83 2.65
C ALA A 73 10.38 -15.30 1.62
N LYS A 74 11.61 -15.78 1.70
CA LYS A 74 12.65 -15.36 0.78
C LYS A 74 12.34 -15.83 -0.63
N ARG A 75 11.84 -17.04 -0.77
CA ARG A 75 11.52 -17.56 -2.09
C ARG A 75 10.46 -16.72 -2.77
N LYS A 76 9.42 -16.39 -2.04
CA LYS A 76 8.34 -15.57 -2.63
C LYS A 76 8.88 -14.19 -2.99
N ASN A 77 9.70 -13.60 -2.11
CA ASN A 77 10.23 -12.30 -2.42
C ASN A 77 11.15 -12.34 -3.61
N ASP A 78 11.97 -13.38 -3.70
CA ASP A 78 12.87 -13.46 -4.85
C ASP A 78 12.09 -13.50 -6.15
N ASN A 79 10.99 -14.27 -6.17
CA ASN A 79 10.15 -14.38 -7.36
C ASN A 79 9.51 -13.03 -7.66
N TYR A 80 8.92 -12.43 -6.64
CA TYR A 80 8.29 -11.12 -6.78
C TYR A 80 9.28 -10.08 -7.32
N VAL A 81 10.50 -10.08 -6.78
CA VAL A 81 11.50 -9.11 -7.23
C VAL A 81 11.84 -9.32 -8.70
N LYS A 82 11.93 -10.58 -9.14
CA LYS A 82 12.09 -10.86 -10.58
C LYS A 82 10.90 -10.29 -11.38
N MET A 83 9.69 -10.47 -10.85
CA MET A 83 8.48 -10.06 -11.57
C MET A 83 8.45 -8.55 -11.83
N ILE A 84 9.06 -7.75 -10.96
CA ILE A 84 8.94 -6.28 -11.05
C ILE A 84 10.11 -5.57 -11.75
N GLN A 85 11.07 -6.32 -12.29
CA GLN A 85 12.25 -5.67 -12.82
C GLN A 85 11.93 -4.74 -13.99
N ASP A 86 10.89 -5.04 -14.79
CA ASP A 86 10.58 -4.22 -15.96
C ASP A 86 9.49 -3.16 -15.70
N VAL A 87 9.09 -2.99 -14.45
CA VAL A 87 8.16 -1.90 -14.13
C VAL A 87 8.77 -0.58 -14.57
N SER A 88 7.94 0.30 -15.12
CA SER A 88 8.42 1.55 -15.68
C SER A 88 7.43 2.69 -15.40
N PRO A 89 7.79 3.91 -15.78
CA PRO A 89 6.81 4.97 -15.61
C PRO A 89 5.48 4.71 -16.29
N ALA A 90 5.46 3.92 -17.36
CA ALA A 90 4.19 3.66 -18.04
C ALA A 90 3.22 2.85 -17.18
N ASP A 91 3.74 2.24 -16.11
CA ASP A 91 2.92 1.42 -15.23
C ASP A 91 2.29 2.20 -14.08
N VAL A 92 2.64 3.48 -13.94
CA VAL A 92 1.97 4.29 -12.93
C VAL A 92 0.48 4.33 -13.22
N TYR A 93 -0.34 4.12 -12.19
CA TYR A 93 -1.78 4.09 -12.36
C TYR A 93 -2.30 5.46 -12.79
N PRO A 94 -3.42 5.46 -13.50
CA PRO A 94 -4.03 6.72 -13.95
C PRO A 94 -4.29 7.66 -12.80
N GLY A 95 -4.01 8.94 -13.07
CA GLY A 95 -4.23 10.01 -12.10
C GLY A 95 -3.12 10.24 -11.10
N ILE A 96 -2.29 9.22 -10.87
CA ILE A 96 -1.34 9.31 -9.77
C ILE A 96 -0.22 10.33 -10.02
N LEU A 97 0.37 10.31 -11.22
CA LEU A 97 1.45 11.25 -11.51
C LEU A 97 0.94 12.68 -11.42
N GLN A 98 -0.24 12.97 -11.97
N GLN A 98 -0.23 12.95 -11.98
CA GLN A 98 -0.77 14.33 -11.93
CA GLN A 98 -0.79 14.28 -11.92
C GLN A 98 -1.16 14.76 -10.52
C GLN A 98 -1.07 14.73 -10.49
N LEU A 99 -1.64 13.82 -9.71
CA LEU A 99 -1.92 14.07 -8.31
C LEU A 99 -0.66 14.52 -7.58
N LEU A 100 0.43 13.80 -7.79
CA LEU A 100 1.70 14.16 -7.15
C LEU A 100 2.13 15.56 -7.56
N LYS A 101 2.02 15.87 -8.84
CA LYS A 101 2.38 17.21 -9.32
C LYS A 101 1.49 18.26 -8.72
N ASP A 102 0.19 18.01 -8.66
CA ASP A 102 -0.74 19.00 -8.14
C ASP A 102 -0.52 19.19 -6.63
N LEU A 103 -0.22 18.13 -5.90
CA LEU A 103 0.03 18.25 -4.47
C LEU A 103 1.25 19.13 -4.23
N ARG A 104 2.32 18.89 -4.98
CA ARG A 104 3.54 19.69 -4.77
C ARG A 104 3.29 21.15 -5.10
N SER A 105 2.54 21.42 -6.17
CA SER A 105 2.26 22.82 -6.53
C SER A 105 1.45 23.52 -5.43
N ASN A 106 0.65 22.76 -4.71
CA ASN A 106 -0.18 23.30 -3.64
C ASN A 106 0.45 23.15 -2.25
N LYS A 107 1.74 22.79 -2.21
CA LYS A 107 2.51 22.70 -0.97
C LYS A 107 1.94 21.71 0.03
N ILE A 108 1.35 20.64 -0.49
CA ILE A 108 0.83 19.56 0.34
C ILE A 108 1.87 18.45 0.34
N LYS A 109 2.29 18.02 1.52
CA LYS A 109 3.37 17.05 1.67
C LYS A 109 2.93 15.70 1.13
N ILE A 110 3.91 14.90 0.70
CA ILE A 110 3.67 13.60 0.11
C ILE A 110 4.59 12.57 0.80
N ALA A 111 4.00 11.54 1.38
CA ALA A 111 4.79 10.52 2.09
C ALA A 111 4.33 9.14 1.69
N LEU A 112 5.30 8.22 1.62
CA LEU A 112 4.97 6.80 1.38
C LEU A 112 4.75 6.06 2.69
N ALA A 113 3.64 5.31 2.75
CA ALA A 113 3.29 4.50 3.89
C ALA A 113 3.01 3.10 3.42
N SER A 114 4.03 2.48 2.84
CA SER A 114 3.93 1.13 2.27
C SER A 114 4.57 0.10 3.22
N ALA A 115 3.96 -1.08 3.32
CA ALA A 115 4.56 -2.20 4.02
C ALA A 115 5.83 -2.72 3.35
N SER A 116 6.07 -2.34 2.10
CA SER A 116 7.01 -3.07 1.25
C SER A 116 8.46 -2.61 1.30
N LYS A 117 9.36 -3.55 1.57
CA LYS A 117 10.77 -3.28 1.46
C LYS A 117 11.17 -2.99 0.02
N ASN A 118 10.31 -3.38 -0.93
CA ASN A 118 10.55 -3.10 -2.34
C ASN A 118 10.02 -1.71 -2.79
N GLY A 119 9.50 -0.94 -1.85
CA GLY A 119 8.92 0.35 -2.19
C GLY A 119 9.88 1.32 -2.85
N PRO A 120 11.05 1.57 -2.23
CA PRO A 120 11.99 2.50 -2.86
C PRO A 120 12.41 2.07 -4.28
N PHE A 121 12.65 0.78 -4.49
CA PHE A 121 13.04 0.30 -5.81
C PHE A 121 11.91 0.62 -6.81
N LEU A 122 10.67 0.39 -6.40
CA LEU A 122 9.54 0.61 -7.30
C LEU A 122 9.34 2.08 -7.63
N LEU A 123 9.49 2.94 -6.63
CA LEU A 123 9.37 4.38 -6.91
C LEU A 123 10.45 4.81 -7.91
N GLU A 124 11.65 4.24 -7.77
CA GLU A 124 12.71 4.57 -8.73
C GLU A 124 12.35 4.09 -10.13
N ARG A 125 11.87 2.84 -10.20
CA ARG A 125 11.47 2.26 -11.50
C ARG A 125 10.47 3.16 -12.19
N MET A 126 9.55 3.74 -11.42
CA MET A 126 8.47 4.57 -11.99
C MET A 126 8.82 6.05 -12.11
N ASN A 127 10.06 6.41 -11.78
CA ASN A 127 10.49 7.82 -11.78
C ASN A 127 9.61 8.67 -10.89
N LEU A 128 9.30 8.17 -9.70
CA LEU A 128 8.43 8.87 -8.77
C LEU A 128 9.16 9.33 -7.49
N THR A 129 10.37 8.83 -7.25
CA THR A 129 11.08 9.18 -6.03
C THR A 129 11.09 10.68 -5.72
N GLY A 130 11.34 11.50 -6.71
CA GLY A 130 11.46 12.93 -6.47
C GLY A 130 10.21 13.62 -6.02
N TYR A 131 9.06 12.98 -6.17
CA TYR A 131 7.81 13.58 -5.71
C TYR A 131 7.59 13.41 -4.21
N PHE A 132 8.29 12.47 -3.59
CA PHE A 132 8.05 12.11 -2.21
C PHE A 132 8.92 12.92 -1.26
N ASP A 133 8.25 13.56 -0.31
CA ASP A 133 8.95 14.27 0.73
C ASP A 133 9.52 13.34 1.77
N ALA A 134 8.89 12.17 1.94
CA ALA A 134 9.42 11.13 2.82
C ALA A 134 8.92 9.75 2.43
N ILE A 135 9.71 8.75 2.79
CA ILE A 135 9.34 7.35 2.71
C ILE A 135 9.45 6.77 4.10
N ALA A 136 8.32 6.35 4.68
CA ALA A 136 8.35 5.74 6.00
C ALA A 136 8.91 4.35 5.83
N ASP A 137 10.07 4.08 6.42
CA ASP A 137 10.71 2.78 6.34
C ASP A 137 9.91 1.75 7.14
N PRO A 138 9.33 0.74 6.48
CA PRO A 138 8.48 -0.19 7.22
C PRO A 138 9.23 -1.09 8.22
N ALA A 139 10.54 -1.19 8.06
CA ALA A 139 11.36 -2.00 8.97
C ALA A 139 11.62 -1.27 10.29
N GLU A 140 11.31 0.02 10.34
CA GLU A 140 11.53 0.83 11.54
C GLU A 140 10.34 0.82 12.52
N VAL A 141 9.13 0.54 12.05
CA VAL A 141 7.96 0.61 12.93
C VAL A 141 7.80 -0.67 13.76
N ALA A 142 7.40 -0.53 15.02
CA ALA A 142 7.24 -1.69 15.91
C ALA A 142 6.08 -2.60 15.47
N ALA A 143 5.11 -2.07 14.75
CA ALA A 143 3.94 -2.86 14.33
C ALA A 143 3.46 -2.46 12.95
N SER A 144 3.07 -3.42 12.12
CA SER A 144 2.55 -3.08 10.78
C SER A 144 1.03 -3.21 10.58
N LYS A 145 0.56 -2.90 9.38
CA LYS A 145 -0.86 -2.81 9.13
C LYS A 145 -1.53 -4.11 9.53
N PRO A 146 -2.71 -4.05 10.20
CA PRO A 146 -3.62 -2.91 10.43
C PRO A 146 -3.29 -2.00 11.60
N ALA A 147 -2.16 -2.21 12.30
CA ALA A 147 -1.75 -1.19 13.27
C ALA A 147 -1.49 0.13 12.52
N PRO A 148 -1.77 1.28 13.17
CA PRO A 148 -1.63 2.58 12.50
C PRO A 148 -0.19 3.11 12.41
N ASP A 149 0.78 2.44 13.03
CA ASP A 149 2.15 2.95 13.16
C ASP A 149 2.75 3.52 11.87
N ILE A 150 2.59 2.80 10.76
CA ILE A 150 3.24 3.21 9.52
C ILE A 150 2.65 4.54 9.00
N PHE A 151 1.35 4.75 9.16
CA PHE A 151 0.73 6.01 8.74
C PHE A 151 1.12 7.14 9.65
N ILE A 152 1.16 6.85 10.96
CA ILE A 152 1.67 7.82 11.94
C ILE A 152 3.09 8.23 11.60
N ALA A 153 3.95 7.27 11.29
CA ALA A 153 5.33 7.54 10.96
C ALA A 153 5.48 8.37 9.67
N ALA A 154 4.66 8.07 8.66
CA ALA A 154 4.72 8.81 7.40
C ALA A 154 4.38 10.29 7.62
N ALA A 155 3.31 10.51 8.40
CA ALA A 155 2.87 11.87 8.71
C ALA A 155 3.96 12.60 9.50
N HIS A 156 4.49 11.95 10.53
CA HIS A 156 5.57 12.55 11.31
C HIS A 156 6.75 12.93 10.45
N ALA A 157 7.10 12.09 9.47
CA ALA A 157 8.27 12.31 8.65
C ALA A 157 8.18 13.58 7.80
N VAL A 158 6.96 14.05 7.55
CA VAL A 158 6.77 15.28 6.78
C VAL A 158 6.24 16.42 7.66
N GLY A 159 6.27 16.22 8.97
CA GLY A 159 5.93 17.28 9.93
C GLY A 159 4.46 17.66 9.96
N VAL A 160 3.56 16.73 9.66
CA VAL A 160 2.12 17.01 9.65
C VAL A 160 1.39 16.06 10.57
N ALA A 161 0.37 16.56 11.27
CA ALA A 161 -0.45 15.71 12.12
C ALA A 161 -1.21 14.67 11.29
N PRO A 162 -1.31 13.43 11.77
CA PRO A 162 -2.19 12.50 11.05
C PRO A 162 -3.59 13.05 10.85
N SER A 163 -4.12 13.79 11.82
CA SER A 163 -5.49 14.30 11.72
C SER A 163 -5.65 15.31 10.60
N GLU A 164 -4.54 15.87 10.12
CA GLU A 164 -4.56 16.80 9.00
C GLU A 164 -4.00 16.14 7.74
N SER A 165 -4.09 14.81 7.68
CA SER A 165 -3.65 14.05 6.52
C SER A 165 -4.76 13.17 5.93
N ILE A 166 -4.64 12.90 4.62
CA ILE A 166 -5.46 11.91 3.92
C ILE A 166 -4.57 10.71 3.62
N GLY A 167 -5.12 9.52 3.83
CA GLY A 167 -4.40 8.29 3.47
C GLY A 167 -5.11 7.59 2.33
N LEU A 168 -4.33 7.09 1.36
CA LEU A 168 -4.88 6.41 0.20
C LEU A 168 -4.48 4.93 0.27
N GLU A 169 -5.48 4.05 0.18
CA GLU A 169 -5.27 2.60 0.38
C GLU A 169 -6.21 1.79 -0.48
N ASP A 170 -5.77 0.58 -0.81
CA ASP A 170 -6.57 -0.40 -1.56
C ASP A 170 -6.90 -1.62 -0.72
N SER A 171 -6.60 -1.62 0.59
CA SER A 171 -6.70 -2.84 1.39
C SER A 171 -7.52 -2.69 2.66
N GLN A 172 -8.09 -3.81 3.11
CA GLN A 172 -8.78 -3.85 4.39
C GLN A 172 -7.88 -3.48 5.57
N ALA A 173 -6.70 -4.10 5.65
CA ALA A 173 -5.77 -3.84 6.75
C ALA A 173 -5.34 -2.38 6.77
N GLY A 174 -5.09 -1.83 5.59
CA GLY A 174 -4.58 -0.49 5.49
C GLY A 174 -5.64 0.55 5.78
N ILE A 175 -6.89 0.29 5.40
CA ILE A 175 -7.96 1.22 5.76
C ILE A 175 -8.08 1.30 7.28
N GLN A 176 -8.04 0.16 7.95
CA GLN A 176 -8.12 0.14 9.41
C GLN A 176 -6.94 0.91 10.02
N ALA A 177 -5.74 0.73 9.46
CA ALA A 177 -4.56 1.44 9.92
C ALA A 177 -4.75 2.95 9.78
N ILE A 178 -5.28 3.39 8.64
CA ILE A 178 -5.52 4.82 8.47
C ILE A 178 -6.52 5.31 9.52
N LYS A 179 -7.63 4.60 9.67
CA LYS A 179 -8.66 5.01 10.63
C LYS A 179 -8.03 5.21 12.02
N ASP A 180 -7.26 4.23 12.48
CA ASP A 180 -6.69 4.29 13.83
C ASP A 180 -5.52 5.28 13.96
N SER A 181 -5.01 5.80 12.84
CA SER A 181 -3.98 6.86 12.90
C SER A 181 -4.58 8.23 13.14
N GLY A 182 -5.84 8.40 12.77
CA GLY A 182 -6.50 9.71 12.81
C GLY A 182 -6.64 10.40 11.46
N ALA A 183 -5.87 9.96 10.47
CA ALA A 183 -6.01 10.39 9.09
C ALA A 183 -7.32 9.96 8.46
N LEU A 184 -7.67 10.62 7.36
CA LEU A 184 -8.92 10.38 6.66
C LEU A 184 -8.65 9.45 5.50
N PRO A 185 -9.29 8.27 5.51
CA PRO A 185 -9.05 7.30 4.42
C PRO A 185 -9.91 7.56 3.19
N ILE A 186 -9.33 7.40 2.01
CA ILE A 186 -10.09 7.27 0.77
C ILE A 186 -9.60 5.99 0.11
N GLY A 187 -10.47 4.99 0.05
CA GLY A 187 -10.07 3.69 -0.47
C GLY A 187 -10.25 3.61 -1.97
N VAL A 188 -9.48 2.73 -2.63
CA VAL A 188 -9.70 2.47 -4.05
C VAL A 188 -9.94 0.96 -4.25
N GLY A 189 -11.05 0.62 -4.87
CA GLY A 189 -11.44 -0.77 -5.03
C GLY A 189 -12.96 -0.94 -4.92
N ARG A 190 -13.36 -2.15 -4.53
CA ARG A 190 -14.78 -2.52 -4.51
C ARG A 190 -15.33 -2.31 -3.09
N PRO A 191 -16.52 -1.67 -2.97
CA PRO A 191 -17.09 -1.58 -1.61
C PRO A 191 -17.30 -2.98 -1.02
N GLU A 192 -17.60 -3.96 -1.85
CA GLU A 192 -17.76 -5.31 -1.33
C GLU A 192 -16.50 -5.84 -0.62
N ASP A 193 -15.33 -5.35 -1.03
CA ASP A 193 -14.10 -5.68 -0.34
C ASP A 193 -13.72 -4.67 0.76
N LEU A 194 -14.01 -3.37 0.56
CA LEU A 194 -13.39 -2.35 1.39
C LEU A 194 -14.38 -1.67 2.36
N GLY A 195 -15.66 -1.95 2.19
CA GLY A 195 -16.68 -1.47 3.12
C GLY A 195 -17.49 -0.32 2.56
N ASP A 196 -18.60 0.00 3.23
CA ASP A 196 -19.47 1.08 2.80
C ASP A 196 -19.49 2.24 3.78
N ASP A 197 -18.51 2.29 4.68
CA ASP A 197 -18.53 3.27 5.76
C ASP A 197 -17.52 4.40 5.57
N ILE A 198 -16.65 4.26 4.56
CA ILE A 198 -15.74 5.35 4.18
C ILE A 198 -15.89 5.64 2.70
N VAL A 199 -15.26 6.72 2.23
CA VAL A 199 -15.30 7.05 0.82
C VAL A 199 -14.42 6.08 0.04
N ILE A 200 -15.01 5.45 -0.98
CA ILE A 200 -14.32 4.47 -1.81
C ILE A 200 -14.52 4.85 -3.26
N VAL A 201 -13.45 4.90 -4.04
CA VAL A 201 -13.53 5.15 -5.47
C VAL A 201 -13.18 3.89 -6.26
N PRO A 202 -13.73 3.73 -7.47
CA PRO A 202 -13.52 2.43 -8.14
C PRO A 202 -12.16 2.29 -8.81
N ASP A 203 -11.46 3.40 -9.06
CA ASP A 203 -10.17 3.34 -9.73
C ASP A 203 -9.44 4.64 -9.41
N THR A 204 -8.14 4.71 -9.67
CA THR A 204 -7.32 5.84 -9.21
C THR A 204 -7.46 7.08 -10.07
N SER A 205 -8.14 7.01 -11.22
CA SER A 205 -8.45 8.27 -11.92
C SER A 205 -9.24 9.21 -11.04
N HIS A 206 -9.93 8.68 -10.03
CA HIS A 206 -10.75 9.46 -9.12
C HIS A 206 -9.93 10.19 -8.06
N TYR A 207 -8.67 9.78 -7.92
CA TYR A 207 -7.78 10.45 -7.01
C TYR A 207 -7.22 11.74 -7.65
N THR A 208 -8.05 12.78 -7.70
CA THR A 208 -7.62 14.10 -8.12
C THR A 208 -7.55 14.97 -6.88
N LEU A 209 -6.71 16.00 -6.92
CA LEU A 209 -6.68 16.98 -5.85
C LEU A 209 -8.08 17.60 -5.69
N GLU A 210 -8.78 17.85 -6.81
CA GLU A 210 -10.14 18.41 -6.70
C GLU A 210 -11.02 17.49 -5.81
N PHE A 211 -10.96 16.19 -6.05
CA PHE A 211 -11.80 15.28 -5.29
C PHE A 211 -11.34 15.16 -3.84
N LEU A 212 -10.04 15.07 -3.61
CA LEU A 212 -9.58 15.06 -2.23
C LEU A 212 -10.09 16.31 -1.48
N LYS A 213 -10.11 17.47 -2.15
CA LYS A 213 -10.66 18.67 -1.53
C LYS A 213 -12.17 18.49 -1.31
N GLU A 214 -12.87 17.94 -2.30
CA GLU A 214 -14.31 17.71 -2.24
C GLU A 214 -14.61 16.86 -0.99
N VAL A 215 -13.85 15.76 -0.85
CA VAL A 215 -14.02 14.90 0.32
C VAL A 215 -13.64 15.53 1.65
N TRP A 216 -12.56 16.30 1.66
CA TRP A 216 -12.10 16.93 2.90
C TRP A 216 -13.15 17.90 3.42
N LEU A 217 -13.77 18.63 2.49
CA LEU A 217 -14.84 19.61 2.81
C LEU A 217 -16.11 18.94 3.33
N GLN A 218 -16.53 17.86 2.68
CA GLN A 218 -17.74 17.14 3.08
C GLN A 218 -17.63 16.51 4.47
O1P GRX B . 8.38 -6.36 1.62
P GRX B . 7.34 -6.94 0.77
O2P GRX B . 7.19 -6.35 -0.58
O3P GRX B . 7.26 -8.42 0.79
C7 GRX B . 5.82 -6.45 1.64
F1 GRX B . 5.78 -7.07 2.93
C1 GRX B . 4.49 -6.77 0.94
O5 GRX B . 3.62 -5.69 1.17
C5 GRX B . 2.34 -5.83 0.50
C6 GRX B . 1.56 -4.54 0.80
O6 GRX B . 2.32 -3.39 0.31
C4 GRX B . 1.61 -7.06 0.95
O4 GRX B . 0.36 -7.10 0.23
C3 GRX B . 2.48 -8.24 0.58
O3 GRX B . 1.78 -9.45 1.01
C2 GRX B . 3.83 -8.17 1.25
O2 GRX B . 4.66 -9.30 0.91
F1 MGF C . -0.11 -2.39 -0.48
MG MGF C . 1.17 -1.53 0.43
F2 MGF C . 2.41 -0.76 -0.61
F3 MGF C . 1.31 -1.59 2.18
MG MG D . -1.90 -1.86 -1.11
#